data_5J9L
#
_entry.id   5J9L
#
_cell.length_a   58.208
_cell.length_b   133.407
_cell.length_c   144.898
_cell.angle_alpha   90.00
_cell.angle_beta   90.00
_cell.angle_gamma   90.00
#
_symmetry.space_group_name_H-M   'I 2 2 2'
#
loop_
_entity.id
_entity.type
_entity.pdbx_description
1 polymer 'Mitogen-activated protein kinase kinase kinase 7,TGF-beta-activated kinase 1 and MAP3K7-binding protein 1'
2 non-polymer N-(4-((2-((4-(4-methylpiperazin-1-yl)phenyl)amino)-7H-pyrrolo[2,3-d]pyrimidin-4-yl)oxy)phenyl)acrylamide
3 water water
#
_entity_poly.entity_id   1
_entity_poly.type   'polypeptide(L)'
_entity_poly.pdbx_seq_one_letter_code
;SLHMIDYKEIEVEEVVGRGAFGVVCKAKWRAKDVAIKQIESESERKAFIVELRQLSRVNHPNIVKLYGACLNPVCLVMEY
AEGGSLYNVLHGAEPLPYYTAAHAMSWCLQCSQGVAYLHSMQPKALIHRDLKPPNLLLVAGGTVLKICDFGTACDIQTHM
TNNKGSAAWMAPEVFEGSNYSEKCDVFSWGIILWEVITRRKPFDEIGGPAFRIMWAVHNGTRPPLIKNLPKPIESLMTRC
WSKDPSQRPSMEEIVKIMTHLMRYFPGADEPLQYPCQHSLPPGEDGRVEPYVDFAEFYRLWSVDHGE
;
_entity_poly.pdbx_strand_id   A
#
# COMPACT_ATOMS: atom_id res chain seq x y z
N SER A 1 22.50 -10.33 8.92
CA SER A 1 21.99 -11.40 8.09
C SER A 1 22.14 -11.08 6.61
N LEU A 2 22.63 -9.87 6.30
CA LEU A 2 22.67 -9.37 4.94
C LEU A 2 23.95 -9.84 4.25
N HIS A 3 24.23 -9.25 3.08
CA HIS A 3 25.37 -9.64 2.25
C HIS A 3 25.99 -8.37 1.69
N MET A 4 27.21 -8.04 2.11
CA MET A 4 27.87 -6.84 1.63
C MET A 4 28.09 -6.93 0.12
N ILE A 5 28.38 -5.78 -0.49
CA ILE A 5 28.67 -5.71 -1.91
C ILE A 5 29.77 -4.68 -2.12
N ASP A 6 30.57 -4.90 -3.16
CA ASP A 6 31.58 -3.94 -3.57
C ASP A 6 30.94 -2.91 -4.47
N TYR A 7 31.07 -1.61 -4.13
CA TYR A 7 30.39 -0.59 -4.90
C TYR A 7 30.78 -0.66 -6.37
N LYS A 8 32.06 -0.91 -6.66
CA LYS A 8 32.48 -1.11 -8.04
C LYS A 8 31.71 -2.24 -8.71
N GLU A 9 31.15 -3.17 -7.93
CA GLU A 9 30.42 -4.30 -8.50
C GLU A 9 29.13 -3.86 -9.15
N ILE A 10 28.57 -2.73 -8.73
CA ILE A 10 27.26 -2.25 -9.20
C ILE A 10 27.45 -1.42 -10.44
N GLU A 11 26.50 -1.50 -11.37
CA GLU A 11 26.50 -0.72 -12.61
C GLU A 11 25.21 0.10 -12.63
N VAL A 12 25.32 1.39 -12.31
CA VAL A 12 24.16 2.27 -12.36
C VAL A 12 23.59 2.27 -13.78
N GLU A 13 22.29 2.50 -13.89
CA GLU A 13 21.62 2.61 -15.17
C GLU A 13 20.81 3.89 -15.28
N GLU A 14 19.77 4.01 -14.45
CA GLU A 14 18.81 5.10 -14.57
C GLU A 14 18.40 5.56 -13.17
N VAL A 15 17.68 6.68 -13.12
CA VAL A 15 17.12 7.21 -11.89
C VAL A 15 15.62 6.95 -11.89
N VAL A 16 15.06 6.82 -10.70
CA VAL A 16 13.64 6.49 -10.55
C VAL A 16 12.90 7.64 -9.87
N GLY A 17 13.21 7.89 -8.60
CA GLY A 17 12.53 8.94 -7.87
C GLY A 17 12.98 8.99 -6.42
N ARG A 18 12.30 9.85 -5.66
CA ARG A 18 12.63 10.09 -4.27
C ARG A 18 11.50 9.61 -3.36
N GLY A 19 11.85 8.91 -2.30
CA GLY A 19 10.90 8.54 -1.27
C GLY A 19 10.86 9.58 -0.17
N GLY A 22 16.36 10.15 0.86
CA GLY A 22 17.33 9.68 -0.10
C GLY A 22 16.82 9.70 -1.53
N VAL A 23 17.56 9.05 -2.43
CA VAL A 23 17.21 8.97 -3.84
C VAL A 23 17.44 7.54 -4.31
N VAL A 24 16.52 7.04 -5.12
CA VAL A 24 16.58 5.67 -5.64
C VAL A 24 17.02 5.72 -7.09
N CYS A 25 17.80 4.71 -7.50
CA CYS A 25 18.30 4.64 -8.87
C CYS A 25 18.23 3.19 -9.35
N LYS A 26 17.96 3.03 -10.65
CA LYS A 26 17.91 1.72 -11.26
C LYS A 26 19.32 1.19 -11.50
N ALA A 27 19.44 -0.13 -11.57
CA ALA A 27 20.74 -0.78 -11.79
C ALA A 27 20.56 -2.26 -12.07
N TRP A 29 23.06 -5.78 -11.14
CA TRP A 29 24.06 -6.37 -10.25
C TRP A 29 24.03 -7.91 -10.34
N ARG A 30 25.21 -8.51 -10.36
CA ARG A 30 25.37 -9.94 -10.64
C ARG A 30 24.38 -10.38 -11.70
N ALA A 31 24.31 -9.61 -12.78
CA ALA A 31 23.38 -9.86 -13.87
C ALA A 31 21.94 -9.86 -13.36
N ASP A 33 19.02 -7.39 -12.20
CA ASP A 33 18.37 -6.10 -12.00
C ASP A 33 18.12 -5.82 -10.52
N VAL A 34 18.51 -4.62 -10.08
CA VAL A 34 18.41 -4.22 -8.69
C VAL A 34 18.08 -2.74 -8.62
N ALA A 35 17.55 -2.34 -7.45
CA ALA A 35 17.27 -0.94 -7.15
C ALA A 35 18.08 -0.54 -5.93
N ILE A 36 18.74 0.62 -6.00
CA ILE A 36 19.60 1.09 -4.93
C ILE A 36 19.25 2.53 -4.62
N LYS A 37 19.45 2.93 -3.37
CA LYS A 37 19.37 4.33 -2.99
C LYS A 37 20.60 4.71 -2.20
N GLN A 38 21.34 5.68 -2.70
CA GLN A 38 22.48 6.24 -1.98
C GLN A 38 21.99 7.27 -0.97
N ILE A 39 22.67 7.32 0.18
CA ILE A 39 22.36 8.34 1.17
C ILE A 39 22.87 9.68 0.70
N GLU A 40 22.21 10.75 1.14
CA GLU A 40 22.63 12.11 0.86
C GLU A 40 22.75 12.86 2.18
N SER A 41 23.96 13.33 2.48
CA SER A 41 24.23 14.04 3.73
C SER A 41 24.14 13.10 4.92
N GLU A 42 24.85 13.43 6.00
CA GLU A 42 24.94 12.56 7.17
C GLU A 42 23.67 12.58 8.03
N SER A 43 22.73 13.49 7.76
CA SER A 43 21.52 13.57 8.57
C SER A 43 20.68 12.31 8.43
N GLU A 44 20.75 11.64 7.27
CA GLU A 44 19.96 10.43 7.04
C GLU A 44 20.68 9.17 7.46
N ARG A 45 21.95 9.25 7.85
CA ARG A 45 22.69 8.07 8.30
C ARG A 45 21.95 7.39 9.45
N LYS A 46 21.68 8.14 10.50
CA LYS A 46 21.12 7.56 11.73
C LYS A 46 19.82 6.81 11.46
N ALA A 47 19.08 7.23 10.43
CA ALA A 47 17.91 6.47 9.97
C ALA A 47 18.31 5.37 9.00
N PHE A 48 19.14 5.72 8.01
CA PHE A 48 19.60 4.75 7.02
C PHE A 48 20.06 3.44 7.67
N ILE A 49 20.74 3.54 8.81
CA ILE A 49 21.25 2.33 9.46
C ILE A 49 20.10 1.52 10.05
N VAL A 50 19.09 2.20 10.60
CA VAL A 50 17.96 1.50 11.21
C VAL A 50 17.29 0.60 10.18
N GLU A 51 16.88 1.19 9.06
CA GLU A 51 16.33 0.43 7.93
C GLU A 51 17.13 -0.84 7.70
N LEU A 52 18.46 -0.73 7.78
CA LEU A 52 19.31 -1.89 7.57
C LEU A 52 19.07 -2.96 8.63
N ARG A 53 19.04 -2.56 9.90
CA ARG A 53 18.73 -3.50 10.97
C ARG A 53 17.38 -4.16 10.78
N GLN A 54 16.41 -3.44 10.21
CA GLN A 54 15.07 -3.97 10.03
C GLN A 54 15.00 -4.90 8.82
N LEU A 55 15.32 -4.37 7.64
CA LEU A 55 15.17 -5.16 6.41
C LEU A 55 15.96 -6.45 6.45
N SER A 56 17.11 -6.46 7.15
CA SER A 56 17.91 -7.68 7.22
C SER A 56 17.19 -8.77 8.00
N ARG A 57 16.34 -8.40 8.95
CA ARG A 57 15.52 -9.37 9.66
C ARG A 57 14.33 -9.82 8.82
N VAL A 58 13.84 -8.94 7.95
CA VAL A 58 12.61 -9.18 7.21
C VAL A 58 12.87 -10.17 6.09
N ASN A 59 11.90 -11.08 5.89
CA ASN A 59 11.94 -12.00 4.76
C ASN A 59 10.50 -12.46 4.51
N HIS A 60 9.83 -11.83 3.56
CA HIS A 60 8.44 -12.13 3.26
C HIS A 60 8.18 -11.84 1.79
N PRO A 61 7.31 -12.61 1.14
CA PRO A 61 7.07 -12.36 -0.30
C PRO A 61 6.60 -10.94 -0.60
N ASN A 62 5.64 -10.41 0.17
CA ASN A 62 5.05 -9.11 -0.10
C ASN A 62 5.81 -7.97 0.56
N ILE A 63 7.11 -8.12 0.77
CA ILE A 63 7.97 -7.04 1.25
C ILE A 63 9.23 -7.03 0.42
N VAL A 64 9.67 -5.84 0.02
CA VAL A 64 10.81 -5.71 -0.89
C VAL A 64 12.01 -6.41 -0.27
N LYS A 65 12.66 -7.26 -1.07
CA LYS A 65 13.82 -8.02 -0.61
C LYS A 65 15.06 -7.14 -0.63
N LEU A 66 15.83 -7.17 0.46
CA LEU A 66 17.08 -6.43 0.57
C LEU A 66 18.24 -7.38 0.31
N TYR A 67 18.87 -7.24 -0.86
CA TYR A 67 20.04 -8.04 -1.20
C TYR A 67 21.22 -7.66 -0.31
N CYS A 70 26.72 -1.84 0.33
CA CYS A 70 27.95 -1.09 0.51
C CYS A 70 27.86 -0.15 1.71
N LEU A 71 28.96 0.03 2.42
CA LEU A 71 29.06 1.01 3.50
C LEU A 71 29.98 2.17 3.14
N ASN A 72 30.58 2.15 1.96
CA ASN A 72 31.45 3.25 1.53
C ASN A 72 31.44 3.39 0.01
N PRO A 73 30.59 4.29 -0.53
CA PRO A 73 29.62 5.12 0.19
C PRO A 73 28.42 4.32 0.70
N VAL A 74 27.77 4.83 1.75
CA VAL A 74 26.62 4.13 2.33
C VAL A 74 25.54 3.97 1.28
N CYS A 75 25.04 2.75 1.12
CA CYS A 75 24.16 2.43 0.01
C CYS A 75 23.37 1.17 0.33
N LEU A 76 22.18 1.05 -0.27
CA LEU A 76 21.33 -0.12 -0.16
C LEU A 76 21.12 -0.73 -1.53
N VAL A 77 21.04 -2.05 -1.59
CA VAL A 77 20.79 -2.78 -2.83
C VAL A 77 19.54 -3.64 -2.60
N MET A 78 18.44 -3.25 -3.23
CA MET A 78 17.15 -3.89 -3.01
C MET A 78 16.61 -4.47 -4.31
N GLU A 79 15.73 -5.45 -4.17
CA GLU A 79 15.01 -6.00 -5.30
C GLU A 79 14.38 -4.88 -6.12
N TYR A 80 14.51 -4.96 -7.44
CA TYR A 80 13.93 -3.97 -8.34
C TYR A 80 12.50 -4.36 -8.66
N ALA A 81 11.57 -3.42 -8.46
CA ALA A 81 10.16 -3.63 -8.75
C ALA A 81 9.87 -3.04 -10.13
N GLU A 82 9.89 -3.91 -11.14
CA GLU A 82 9.70 -3.45 -12.52
C GLU A 82 8.36 -2.78 -12.73
N GLY A 83 7.36 -3.06 -11.88
CA GLY A 83 6.01 -2.57 -12.12
C GLY A 83 5.74 -1.17 -11.64
N GLY A 84 6.61 -0.63 -10.79
CA GLY A 84 6.39 0.71 -10.26
C GLY A 84 5.51 0.71 -9.05
N SER A 85 5.15 1.92 -8.63
CA SER A 85 4.31 2.10 -7.45
C SER A 85 2.84 1.87 -7.79
N LEU A 86 2.08 1.42 -6.79
CA LEU A 86 0.64 1.31 -6.98
C LEU A 86 0.02 2.66 -7.27
N TYR A 87 0.53 3.73 -6.66
CA TYR A 87 0.02 5.06 -6.92
C TYR A 87 0.07 5.37 -8.41
N ASN A 88 1.21 5.10 -9.05
CA ASN A 88 1.34 5.37 -10.47
C ASN A 88 0.38 4.54 -11.30
N VAL A 89 0.01 3.36 -10.80
CA VAL A 89 -0.96 2.52 -11.51
C VAL A 89 -2.35 3.11 -11.41
N LEU A 90 -2.74 3.56 -10.21
CA LEU A 90 -4.08 4.09 -10.01
C LEU A 90 -4.22 5.49 -10.61
N HIS A 91 -3.25 6.37 -10.36
CA HIS A 91 -3.38 7.77 -10.72
C HIS A 91 -2.21 8.29 -11.54
N GLY A 92 -1.28 7.43 -11.94
CA GLY A 92 -0.08 7.88 -12.62
C GLY A 92 -0.30 8.47 -13.99
N ALA A 93 0.70 8.35 -14.85
CA ALA A 93 0.66 9.00 -16.16
C ALA A 93 -0.14 8.17 -17.15
N GLU A 94 -0.76 8.87 -18.09
CA GLU A 94 -1.47 8.22 -19.19
C GLU A 94 -0.46 7.47 -20.06
N PRO A 95 -0.85 6.30 -20.61
CA PRO A 95 -2.15 5.63 -20.46
C PRO A 95 -2.25 4.82 -19.18
N LEU A 96 -3.42 4.89 -18.50
CA LEU A 96 -3.60 4.11 -17.29
C LEU A 96 -4.10 2.71 -17.61
N PRO A 97 -3.71 1.70 -16.84
CA PRO A 97 -4.14 0.33 -17.13
C PRO A 97 -5.49 -0.01 -16.52
N TYR A 98 -6.22 -0.85 -17.24
CA TYR A 98 -7.46 -1.42 -16.71
C TYR A 98 -7.13 -2.43 -15.62
N TYR A 99 -7.95 -2.45 -14.57
CA TYR A 99 -7.85 -3.50 -13.57
C TYR A 99 -9.24 -3.82 -13.05
N THR A 100 -9.35 -4.98 -12.40
CA THR A 100 -10.61 -5.55 -11.97
C THR A 100 -10.75 -5.52 -10.47
N ALA A 101 -11.98 -5.79 -10.01
CA ALA A 101 -12.21 -5.98 -8.57
C ALA A 101 -11.26 -7.01 -8.00
N ALA A 102 -10.93 -8.05 -8.77
CA ALA A 102 -10.00 -9.06 -8.29
C ALA A 102 -8.63 -8.46 -8.01
N HIS A 103 -8.18 -7.53 -8.85
CA HIS A 103 -6.88 -6.90 -8.62
C HIS A 103 -6.91 -6.02 -7.39
N ALA A 104 -7.97 -5.22 -7.23
CA ALA A 104 -8.10 -4.38 -6.04
C ALA A 104 -8.04 -5.21 -4.77
N MET A 105 -8.85 -6.27 -4.69
CA MET A 105 -8.86 -7.11 -3.49
C MET A 105 -7.54 -7.84 -3.33
N SER A 106 -7.00 -8.40 -4.42
CA SER A 106 -5.73 -9.12 -4.33
C SER A 106 -4.62 -8.22 -3.79
N TRP A 107 -4.49 -7.02 -4.33
CA TRP A 107 -3.49 -6.07 -3.85
C TRP A 107 -3.63 -5.85 -2.35
N CYS A 108 -4.84 -5.47 -1.90
CA CYS A 108 -5.05 -5.21 -0.49
C CYS A 108 -4.71 -6.44 0.36
N LEU A 109 -5.10 -7.63 -0.10
CA LEU A 109 -4.79 -8.84 0.64
C LEU A 109 -3.28 -9.00 0.80
N GLN A 110 -2.54 -8.93 -0.32
CA GLN A 110 -1.09 -9.05 -0.24
C GLN A 110 -0.50 -8.00 0.69
N CYS A 111 -1.07 -6.79 0.69
CA CYS A 111 -0.60 -5.76 1.61
C CYS A 111 -0.80 -6.19 3.06
N SER A 112 -2.00 -6.69 3.37
CA SER A 112 -2.26 -7.16 4.74
C SER A 112 -1.35 -8.32 5.10
N GLN A 113 -1.06 -9.20 4.14
CA GLN A 113 -0.14 -10.30 4.41
C GLN A 113 1.24 -9.77 4.82
N GLY A 114 1.74 -8.75 4.12
CA GLY A 114 3.06 -8.23 4.43
C GLY A 114 3.09 -7.48 5.75
N VAL A 115 2.01 -6.76 6.07
CA VAL A 115 1.96 -6.00 7.31
C VAL A 115 1.80 -6.93 8.51
N ALA A 116 1.03 -8.01 8.34
CA ALA A 116 0.88 -8.97 9.43
C ALA A 116 2.22 -9.59 9.81
N TYR A 117 3.05 -9.90 8.81
CA TYR A 117 4.38 -10.41 9.10
C TYR A 117 5.18 -9.42 9.94
N LEU A 118 5.02 -8.12 9.67
CA LEU A 118 5.71 -7.11 10.47
C LEU A 118 5.15 -7.06 11.88
N HIS A 119 3.83 -7.14 12.03
CA HIS A 119 3.21 -7.10 13.34
C HIS A 119 3.49 -8.35 14.16
N SER A 120 4.10 -9.38 13.57
CA SER A 120 4.39 -10.62 14.27
C SER A 120 5.86 -10.79 14.64
N MET A 121 6.75 -9.94 14.13
CA MET A 121 8.17 -10.08 14.41
C MET A 121 8.44 -10.15 15.90
N GLN A 122 9.42 -10.97 16.27
CA GLN A 122 9.90 -11.03 17.65
C GLN A 122 11.28 -10.40 17.72
N PRO A 123 11.65 -9.83 18.88
CA PRO A 123 10.87 -9.75 20.13
C PRO A 123 9.77 -8.69 20.09
N LYS A 124 9.99 -7.60 19.37
CA LYS A 124 9.02 -6.53 19.24
C LYS A 124 8.50 -6.47 17.81
N ALA A 125 7.24 -6.05 17.66
CA ALA A 125 6.66 -5.90 16.34
C ALA A 125 7.20 -4.66 15.65
N LEU A 126 7.06 -4.62 14.33
CA LEU A 126 7.49 -3.50 13.51
C LEU A 126 6.28 -2.82 12.91
N ILE A 127 6.19 -1.50 13.10
CA ILE A 127 5.10 -0.70 12.56
C ILE A 127 5.62 0.05 11.34
N HIS A 128 4.95 -0.12 10.21
CA HIS A 128 5.30 0.63 9.01
C HIS A 128 5.08 2.13 9.23
N ARG A 129 3.85 2.50 9.60
CA ARG A 129 3.46 3.86 9.98
C ARG A 129 3.34 4.80 8.78
N ASP A 130 3.65 4.35 7.57
CA ASP A 130 3.53 5.19 6.38
C ASP A 130 2.95 4.38 5.23
N LEU A 131 1.88 3.64 5.50
CA LEU A 131 1.23 2.84 4.47
C LEU A 131 0.46 3.75 3.52
N LYS A 132 0.88 3.75 2.26
CA LYS A 132 0.18 4.49 1.22
C LYS A 132 0.61 3.92 -0.13
N PRO A 133 -0.22 4.08 -1.17
CA PRO A 133 0.10 3.47 -2.46
C PRO A 133 1.49 3.82 -2.95
N PRO A 134 1.95 5.06 -2.76
CA PRO A 134 3.32 5.40 -3.19
C PRO A 134 4.40 4.51 -2.58
N ASN A 135 4.13 3.85 -1.46
CA ASN A 135 5.08 2.95 -0.83
C ASN A 135 4.78 1.49 -1.11
N LEU A 136 3.84 1.21 -2.02
CA LEU A 136 3.50 -0.16 -2.39
C LEU A 136 3.93 -0.37 -3.83
N LEU A 137 4.87 -1.30 -4.03
CA LEU A 137 5.42 -1.58 -5.34
C LEU A 137 4.79 -2.85 -5.92
N LEU A 138 4.87 -2.96 -7.25
CA LEU A 138 4.23 -4.05 -7.97
C LEU A 138 5.25 -4.76 -8.86
N VAL A 139 5.11 -6.07 -8.96
CA VAL A 139 5.91 -6.90 -9.85
C VAL A 139 4.99 -7.94 -10.49
N ALA A 140 5.55 -8.74 -11.40
CA ALA A 140 4.81 -9.82 -12.05
C ALA A 140 3.59 -9.28 -12.79
N GLY A 141 3.82 -8.30 -13.66
CA GLY A 141 2.75 -7.72 -14.44
C GLY A 141 1.71 -6.97 -13.63
N GLY A 142 2.10 -6.41 -12.49
CA GLY A 142 1.17 -5.70 -11.64
C GLY A 142 0.30 -6.56 -10.77
N THR A 143 0.56 -7.87 -10.71
CA THR A 143 -0.28 -8.79 -9.95
C THR A 143 0.24 -9.07 -8.55
N VAL A 144 1.53 -8.86 -8.30
CA VAL A 144 2.13 -9.10 -6.99
C VAL A 144 2.51 -7.74 -6.39
N LEU A 145 2.09 -7.53 -5.14
CA LEU A 145 2.37 -6.29 -4.43
C LEU A 145 3.45 -6.53 -3.38
N LYS A 146 4.37 -5.58 -3.24
CA LYS A 146 5.43 -5.66 -2.26
C LYS A 146 5.60 -4.30 -1.60
N ILE A 147 5.81 -4.33 -0.28
CA ILE A 147 5.92 -3.12 0.53
C ILE A 147 7.38 -2.77 0.70
N CYS A 148 7.68 -1.46 0.75
CA CYS A 148 9.02 -0.97 1.01
C CYS A 148 8.95 0.02 2.17
N ASP A 149 9.42 -0.41 3.34
CA ASP A 149 9.42 0.47 4.51
C ASP A 149 10.15 1.77 4.24
N PHE A 150 11.27 1.69 3.51
CA PHE A 150 12.13 2.84 3.26
C PHE A 150 11.35 4.12 2.98
N GLY A 165 2.55 14.31 1.14
CA GLY A 165 1.86 14.34 2.41
C GLY A 165 1.04 13.10 2.66
N SER A 166 1.31 12.42 3.77
CA SER A 166 0.62 11.19 4.14
C SER A 166 -0.63 11.44 4.99
N ALA A 167 -1.19 12.65 4.95
CA ALA A 167 -2.30 12.98 5.83
C ALA A 167 -3.53 12.13 5.50
N ALA A 168 -3.75 11.84 4.22
CA ALA A 168 -4.97 11.14 3.83
C ALA A 168 -5.03 9.73 4.42
N TRP A 169 -3.89 9.07 4.60
CA TRP A 169 -3.83 7.70 5.06
C TRP A 169 -3.34 7.57 6.49
N MET A 170 -3.40 8.65 7.27
CA MET A 170 -2.83 8.67 8.61
C MET A 170 -3.93 8.57 9.65
N ALA A 171 -3.76 7.63 10.58
CA ALA A 171 -4.77 7.42 11.60
C ALA A 171 -4.89 8.67 12.48
N PRO A 172 -6.10 9.00 12.96
CA PRO A 172 -6.28 10.28 13.67
C PRO A 172 -5.50 10.39 14.97
N GLU A 173 -5.17 9.28 15.64
CA GLU A 173 -4.39 9.38 16.87
C GLU A 173 -2.90 9.59 16.59
N VAL A 174 -2.45 9.31 15.38
CA VAL A 174 -1.03 9.50 15.05
C VAL A 174 -0.67 10.97 15.08
N PHE A 175 -1.30 11.78 14.22
CA PHE A 175 -0.93 13.18 14.13
C PHE A 175 -1.45 14.02 15.29
N GLU A 176 -2.19 13.42 16.23
CA GLU A 176 -2.55 14.09 17.46
C GLU A 176 -1.54 13.84 18.57
N GLY A 177 -0.41 13.20 18.26
CA GLY A 177 0.62 12.92 19.23
C GLY A 177 0.32 11.82 20.22
N SER A 178 -0.91 11.31 20.26
CA SER A 178 -1.24 10.23 21.16
C SER A 178 -0.36 9.01 20.88
N ASN A 179 0.14 8.40 21.95
CA ASN A 179 0.96 7.20 21.82
C ASN A 179 0.19 6.14 21.04
N TYR A 180 0.54 5.97 19.76
CA TYR A 180 -0.19 5.09 18.87
C TYR A 180 0.28 3.64 19.02
N SER A 181 -0.32 2.76 18.24
CA SER A 181 0.08 1.36 18.18
C SER A 181 -0.02 0.90 16.73
N GLU A 182 0.20 -0.40 16.52
CA GLU A 182 0.15 -0.97 15.18
C GLU A 182 -1.23 -0.81 14.54
N LYS A 183 -2.27 -0.57 15.33
CA LYS A 183 -3.60 -0.36 14.75
C LYS A 183 -3.66 0.85 13.85
N CYS A 184 -2.65 1.72 13.87
CA CYS A 184 -2.62 2.84 12.93
C CYS A 184 -2.41 2.34 11.50
N ASP A 185 -1.69 1.23 11.33
CA ASP A 185 -1.53 0.65 10.01
C ASP A 185 -2.84 0.07 9.48
N VAL A 186 -3.73 -0.37 10.38
CA VAL A 186 -5.02 -0.86 9.95
C VAL A 186 -5.84 0.26 9.32
N PHE A 187 -5.92 1.41 10.00
CA PHE A 187 -6.64 2.56 9.46
C PHE A 187 -6.18 2.87 8.04
N SER A 188 -4.86 2.90 7.84
CA SER A 188 -4.32 3.18 6.51
C SER A 188 -4.81 2.17 5.49
N TRP A 189 -4.65 0.88 5.81
CA TRP A 189 -5.12 -0.17 4.91
C TRP A 189 -6.58 0.03 4.53
N GLY A 190 -7.42 0.38 5.50
CA GLY A 190 -8.81 0.67 5.21
C GLY A 190 -8.96 1.74 4.14
N ILE A 191 -8.23 2.85 4.28
CA ILE A 191 -8.27 3.90 3.27
C ILE A 191 -7.76 3.38 1.94
N ILE A 192 -6.67 2.60 1.96
CA ILE A 192 -6.14 2.02 0.74
C ILE A 192 -7.19 1.14 0.06
N LEU A 193 -8.02 0.47 0.86
CA LEU A 193 -9.08 -0.37 0.29
C LEU A 193 -10.08 0.49 -0.47
N TRP A 194 -10.49 1.61 0.11
CA TRP A 194 -11.40 2.53 -0.57
C TRP A 194 -10.76 3.12 -1.82
N GLU A 195 -9.44 3.29 -1.82
CA GLU A 195 -8.78 3.97 -2.92
C GLU A 195 -8.73 3.10 -4.17
N VAL A 196 -8.41 1.81 -4.01
CA VAL A 196 -8.32 0.92 -5.16
C VAL A 196 -9.71 0.59 -5.71
N ILE A 197 -10.73 0.61 -4.85
CA ILE A 197 -12.08 0.29 -5.31
C ILE A 197 -12.67 1.44 -6.11
N THR A 198 -12.47 2.68 -5.64
CA THR A 198 -12.98 3.85 -6.33
C THR A 198 -12.02 4.40 -7.37
N ARG A 199 -10.73 4.08 -7.26
CA ARG A 199 -9.70 4.69 -8.09
C ARG A 199 -9.74 6.21 -7.96
N ARG A 200 -9.94 6.68 -6.74
CA ARG A 200 -9.93 8.10 -6.42
C ARG A 200 -8.84 8.38 -5.39
N LYS A 201 -8.44 9.65 -5.34
CA LYS A 201 -7.51 10.09 -4.31
C LYS A 201 -8.29 10.44 -3.05
N PRO A 202 -8.03 9.82 -1.91
CA PRO A 202 -8.83 10.11 -0.71
C PRO A 202 -8.66 11.57 -0.28
N PHE A 203 -9.79 12.23 -0.04
CA PHE A 203 -9.80 13.62 0.41
C PHE A 203 -9.10 14.53 -0.61
N ASP A 204 -9.33 14.25 -1.89
CA ASP A 204 -8.82 15.12 -2.94
C ASP A 204 -9.61 16.43 -2.99
N GLU A 205 -10.90 16.38 -2.69
CA GLU A 205 -11.73 17.57 -2.72
C GLU A 205 -11.39 18.53 -1.59
N ILE A 206 -11.12 18.00 -0.39
CA ILE A 206 -10.76 18.84 0.75
C ILE A 206 -9.65 19.80 0.34
N GLY A 207 -8.50 19.26 -0.06
CA GLY A 207 -7.42 20.09 -0.55
C GLY A 207 -6.76 20.90 0.55
N GLY A 208 -6.14 22.01 0.13
CA GLY A 208 -5.41 22.86 1.03
C GLY A 208 -4.16 22.18 1.56
N PRO A 209 -3.60 22.71 2.64
CA PRO A 209 -2.44 22.08 3.26
C PRO A 209 -2.86 20.84 4.04
N ALA A 210 -1.86 20.16 4.61
CA ALA A 210 -2.10 18.89 5.30
C ALA A 210 -3.07 19.07 6.46
N PHE A 211 -2.93 20.15 7.23
CA PHE A 211 -3.71 20.28 8.47
C PHE A 211 -5.21 20.36 8.18
N ARG A 212 -5.60 20.80 6.98
CA ARG A 212 -7.02 20.87 6.65
C ARG A 212 -7.63 19.47 6.51
N ILE A 213 -6.83 18.47 6.20
CA ILE A 213 -7.32 17.10 6.19
C ILE A 213 -7.31 16.52 7.59
N MET A 214 -6.25 16.79 8.36
CA MET A 214 -6.21 16.31 9.74
C MET A 214 -7.41 16.79 10.53
N TRP A 215 -7.78 18.06 10.39
CA TRP A 215 -8.96 18.57 11.08
C TRP A 215 -10.20 17.82 10.64
N ALA A 216 -10.32 17.53 9.35
CA ALA A 216 -11.49 16.82 8.84
C ALA A 216 -11.56 15.41 9.40
N VAL A 217 -10.49 14.63 9.22
CA VAL A 217 -10.46 13.27 9.75
C VAL A 217 -10.67 13.28 11.26
N HIS A 218 -9.96 14.18 11.95
CA HIS A 218 -10.09 14.27 13.41
C HIS A 218 -11.55 14.48 13.82
N ASN A 219 -12.33 15.19 13.00
CA ASN A 219 -13.74 15.42 13.29
C ASN A 219 -14.62 14.23 12.94
N GLY A 220 -14.06 13.17 12.36
CA GLY A 220 -14.82 11.99 11.98
C GLY A 220 -15.05 11.85 10.49
N THR A 221 -14.67 12.83 9.69
CA THR A 221 -14.87 12.73 8.25
C THR A 221 -14.11 11.53 7.70
N ARG A 222 -14.78 10.77 6.83
CA ARG A 222 -14.22 9.63 6.15
C ARG A 222 -14.60 9.71 4.68
N PRO A 223 -13.94 8.93 3.83
CA PRO A 223 -14.29 8.95 2.41
C PRO A 223 -15.77 8.62 2.23
N PRO A 224 -16.37 9.11 1.15
CA PRO A 224 -17.80 8.80 0.92
C PRO A 224 -17.99 7.31 0.69
N LEU A 225 -19.13 6.80 1.15
CA LEU A 225 -19.43 5.40 0.93
C LEU A 225 -19.66 5.15 -0.57
N ILE A 226 -19.64 3.87 -0.92
CA ILE A 226 -19.56 3.44 -2.31
C ILE A 226 -20.87 2.79 -2.71
N LYS A 227 -21.44 3.22 -3.83
CA LYS A 227 -22.65 2.60 -4.37
C LYS A 227 -22.38 1.12 -4.66
N ASN A 228 -23.31 0.26 -4.25
CA ASN A 228 -23.30 -1.15 -4.59
C ASN A 228 -22.12 -1.89 -4.00
N LEU A 229 -21.54 -1.38 -2.92
CA LEU A 229 -20.45 -2.10 -2.27
C LEU A 229 -21.00 -3.29 -1.49
N PRO A 230 -20.42 -4.48 -1.63
CA PRO A 230 -20.90 -5.62 -0.83
C PRO A 230 -20.83 -5.31 0.66
N LYS A 231 -21.91 -5.62 1.37
CA LYS A 231 -21.94 -5.37 2.81
C LYS A 231 -20.79 -6.03 3.55
N PRO A 232 -20.35 -7.24 3.21
CA PRO A 232 -19.14 -7.78 3.87
C PRO A 232 -17.94 -6.85 3.71
N ILE A 233 -17.78 -6.25 2.54
CA ILE A 233 -16.65 -5.36 2.31
C ILE A 233 -16.89 -4.00 2.96
N GLU A 234 -18.12 -3.47 2.86
CA GLU A 234 -18.42 -2.21 3.53
C GLU A 234 -18.22 -2.32 5.03
N SER A 235 -18.53 -3.48 5.61
CA SER A 235 -18.34 -3.67 7.03
C SER A 235 -16.87 -3.60 7.42
N LEU A 236 -16.03 -4.40 6.74
CA LEU A 236 -14.61 -4.43 7.08
C LEU A 236 -13.99 -3.05 6.88
N MET A 237 -14.27 -2.42 5.73
CA MET A 237 -13.67 -1.13 5.43
C MET A 237 -13.93 -0.12 6.53
N THR A 238 -15.20 0.02 6.94
CA THR A 238 -15.54 1.03 7.94
C THR A 238 -15.00 0.66 9.32
N ARG A 239 -15.03 -0.64 9.66
CA ARG A 239 -14.43 -1.08 10.91
C ARG A 239 -12.99 -0.62 11.03
N CYS A 240 -12.27 -0.57 9.90
CA CYS A 240 -10.91 -0.05 9.90
C CYS A 240 -10.87 1.45 10.06
N TRP A 241 -11.96 2.15 9.76
CA TRP A 241 -12.04 3.60 9.86
C TRP A 241 -12.41 4.09 11.26
N SER A 242 -12.74 3.18 12.18
CA SER A 242 -13.31 3.58 13.46
C SER A 242 -12.36 4.50 14.22
N LYS A 243 -12.93 5.50 14.89
CA LYS A 243 -12.13 6.42 15.70
C LYS A 243 -11.39 5.67 16.79
N ASP A 244 -12.09 4.84 17.53
CA ASP A 244 -11.49 4.05 18.61
C ASP A 244 -10.58 2.99 18.04
N PRO A 245 -9.25 3.08 18.18
CA PRO A 245 -8.39 2.05 17.59
C PRO A 245 -8.67 0.64 18.11
N SER A 246 -9.28 0.51 19.28
CA SER A 246 -9.55 -0.83 19.82
C SER A 246 -10.71 -1.52 19.11
N GLN A 247 -11.55 -0.76 18.39
CA GLN A 247 -12.62 -1.35 17.61
C GLN A 247 -12.19 -1.73 16.21
N ARG A 248 -10.98 -1.36 15.81
CA ARG A 248 -10.43 -1.79 14.52
C ARG A 248 -9.98 -3.24 14.60
N PRO A 249 -10.17 -4.02 13.54
CA PRO A 249 -9.65 -5.39 13.54
C PRO A 249 -8.14 -5.41 13.44
N SER A 250 -7.56 -6.54 13.87
CA SER A 250 -6.14 -6.77 13.67
C SER A 250 -5.88 -7.20 12.24
N MET A 251 -4.61 -7.06 11.82
CA MET A 251 -4.24 -7.49 10.47
C MET A 251 -4.50 -8.98 10.29
N GLU A 252 -4.19 -9.79 11.30
CA GLU A 252 -4.47 -11.22 11.22
C GLU A 252 -5.93 -11.47 10.88
N GLU A 253 -6.83 -10.68 11.46
CA GLU A 253 -8.25 -10.82 11.13
C GLU A 253 -8.52 -10.31 9.71
N ILE A 254 -7.79 -9.30 9.25
CA ILE A 254 -7.96 -8.82 7.88
C ILE A 254 -7.47 -9.86 6.89
N VAL A 255 -6.24 -10.35 7.08
CA VAL A 255 -5.69 -11.39 6.22
C VAL A 255 -6.68 -12.54 6.08
N LYS A 256 -7.21 -13.02 7.21
CA LYS A 256 -8.14 -14.14 7.18
C LYS A 256 -9.39 -13.78 6.37
N ILE A 257 -10.00 -12.64 6.67
CA ILE A 257 -11.22 -12.22 5.97
C ILE A 257 -10.93 -12.05 4.48
N MET A 258 -9.87 -11.31 4.15
CA MET A 258 -9.54 -11.07 2.75
C MET A 258 -9.23 -12.38 2.03
N THR A 259 -8.51 -13.28 2.69
CA THR A 259 -8.22 -14.57 2.09
C THR A 259 -9.49 -15.29 1.69
N HIS A 260 -10.48 -15.32 2.58
CA HIS A 260 -11.72 -16.04 2.29
C HIS A 260 -12.55 -15.32 1.23
N LEU A 261 -12.41 -14.00 1.10
CA LEU A 261 -13.15 -13.28 0.08
C LEU A 261 -12.58 -13.52 -1.31
N MET A 262 -11.26 -13.76 -1.42
CA MET A 262 -10.65 -14.00 -2.72
C MET A 262 -11.30 -15.16 -3.45
N ARG A 263 -11.97 -16.06 -2.72
CA ARG A 263 -12.73 -17.12 -3.38
C ARG A 263 -13.78 -16.58 -4.33
N TYR A 264 -14.21 -15.33 -4.12
CA TYR A 264 -15.22 -14.69 -4.96
C TYR A 264 -14.61 -13.66 -5.90
N PHE A 265 -13.29 -13.73 -6.11
CA PHE A 265 -12.58 -12.80 -6.99
C PHE A 265 -11.51 -13.58 -7.74
N PRO A 266 -11.91 -14.43 -8.69
CA PRO A 266 -10.93 -15.12 -9.51
C PRO A 266 -10.29 -14.18 -10.52
N GLY A 267 -9.11 -14.59 -10.99
CA GLY A 267 -8.41 -13.84 -12.01
C GLY A 267 -7.44 -12.80 -11.49
N ALA A 268 -6.99 -12.91 -10.24
CA ALA A 268 -6.03 -11.95 -9.72
C ALA A 268 -4.68 -12.09 -10.41
N ASP A 269 -4.35 -13.29 -10.88
CA ASP A 269 -3.07 -13.53 -11.52
C ASP A 269 -3.03 -13.05 -12.97
N GLU A 270 -4.12 -12.52 -13.50
CA GLU A 270 -4.11 -11.99 -14.85
C GLU A 270 -3.35 -10.67 -14.88
N PRO A 271 -2.35 -10.50 -15.74
CA PRO A 271 -1.56 -9.27 -15.71
C PRO A 271 -2.36 -8.07 -16.19
N LEU A 272 -1.82 -6.89 -15.88
CA LEU A 272 -2.34 -5.64 -16.44
C LEU A 272 -1.75 -5.43 -17.83
N GLN A 273 -2.62 -5.23 -18.82
CA GLN A 273 -2.16 -5.16 -20.20
C GLN A 273 -3.07 -4.31 -21.07
N TYR A 274 -4.29 -4.02 -20.60
CA TYR A 274 -5.22 -3.26 -21.41
C TYR A 274 -5.28 -1.81 -20.93
N PRO A 275 -5.43 -0.84 -21.83
CA PRO A 275 -5.52 0.55 -21.42
C PRO A 275 -6.93 0.85 -20.91
N CYS A 276 -7.13 2.09 -20.45
CA CYS A 276 -8.40 2.48 -19.85
C CYS A 276 -8.49 4.00 -19.83
N GLN A 277 -9.20 4.56 -20.81
CA GLN A 277 -9.64 5.94 -20.70
C GLN A 277 -10.70 6.01 -19.62
N HIS A 278 -10.37 6.62 -18.49
CA HIS A 278 -11.15 6.53 -17.27
C HIS A 278 -11.76 7.89 -16.97
N SER A 279 -13.09 7.97 -17.05
CA SER A 279 -13.81 9.18 -16.67
C SER A 279 -14.09 9.16 -15.17
N LEU A 280 -13.89 10.31 -14.53
CA LEU A 280 -14.07 10.43 -13.09
C LEU A 280 -15.36 11.18 -12.78
N PRO A 281 -16.47 10.50 -12.51
CA PRO A 281 -17.69 11.21 -12.12
C PRO A 281 -17.42 12.03 -10.86
N PRO A 282 -18.13 13.15 -10.69
CA PRO A 282 -17.96 13.93 -9.46
C PRO A 282 -18.72 13.31 -8.30
N GLY A 283 -18.19 13.52 -7.09
CA GLY A 283 -18.80 13.00 -5.89
C GLY A 283 -20.16 13.62 -5.63
N GLU A 284 -21.22 12.96 -6.10
CA GLU A 284 -22.58 13.47 -6.01
C GLU A 284 -23.35 12.72 -4.94
N ASP A 285 -23.96 13.47 -4.02
CA ASP A 285 -24.79 12.94 -2.95
C ASP A 285 -23.97 12.31 -1.83
N GLY A 286 -22.71 12.69 -1.68
CA GLY A 286 -21.86 12.05 -0.69
C GLY A 286 -21.79 10.55 -0.85
N ARG A 287 -21.89 10.05 -2.09
CA ARG A 287 -21.86 8.62 -2.36
C ARG A 287 -21.35 8.45 -3.77
N VAL A 288 -20.24 7.72 -3.92
CA VAL A 288 -19.52 7.65 -5.18
C VAL A 288 -19.75 6.30 -5.84
N GLU A 289 -19.45 6.24 -7.14
CA GLU A 289 -19.50 5.03 -7.95
C GLU A 289 -18.14 4.32 -7.91
N PRO A 290 -18.10 3.01 -7.76
CA PRO A 290 -16.81 2.30 -7.81
C PRO A 290 -16.28 2.20 -9.23
N TYR A 291 -14.95 2.13 -9.32
CA TYR A 291 -14.32 1.87 -10.61
C TYR A 291 -14.43 0.39 -10.98
N VAL A 292 -14.09 -0.49 -10.04
CA VAL A 292 -14.23 -1.93 -10.28
C VAL A 292 -15.72 -2.30 -10.32
N ASP A 293 -15.99 -3.46 -10.90
CA ASP A 293 -17.35 -3.96 -11.06
C ASP A 293 -17.55 -5.16 -10.14
N PHE A 294 -18.58 -5.10 -9.31
CA PHE A 294 -18.87 -6.17 -8.35
C PHE A 294 -19.91 -7.15 -8.85
N ALA A 295 -20.23 -7.12 -10.15
CA ALA A 295 -21.25 -8.02 -10.68
C ALA A 295 -20.84 -9.48 -10.49
N GLU A 296 -19.64 -9.84 -10.94
CA GLU A 296 -19.19 -11.23 -10.82
C GLU A 296 -19.20 -11.69 -9.37
N PHE A 297 -18.88 -10.78 -8.44
CA PHE A 297 -18.86 -11.15 -7.02
C PHE A 297 -20.23 -11.62 -6.56
N TYR A 298 -21.25 -10.77 -6.70
CA TYR A 298 -22.59 -11.14 -6.26
C TYR A 298 -23.04 -12.44 -6.91
N ARG A 299 -22.68 -12.65 -8.17
CA ARG A 299 -23.07 -13.87 -8.87
C ARG A 299 -22.48 -15.10 -8.16
N LEU A 300 -21.16 -15.11 -7.97
CA LEU A 300 -20.52 -16.21 -7.27
C LEU A 300 -21.03 -16.35 -5.85
N TRP A 301 -21.37 -15.24 -5.20
CA TRP A 301 -21.86 -15.29 -3.83
C TRP A 301 -23.24 -15.93 -3.76
N SER A 302 -24.09 -15.71 -4.76
CA SER A 302 -25.40 -16.36 -4.79
C SER A 302 -25.26 -17.86 -4.99
N VAL A 303 -24.24 -18.30 -5.71
CA VAL A 303 -24.03 -19.74 -5.94
C VAL A 303 -23.79 -20.46 -4.61
N ASP A 304 -22.83 -19.97 -3.83
CA ASP A 304 -22.52 -20.62 -2.56
C ASP A 304 -23.66 -20.49 -1.57
N HIS A 305 -24.36 -19.35 -1.57
CA HIS A 305 -25.47 -19.11 -0.64
C HIS A 305 -26.77 -19.35 -1.40
N GLY A 306 -27.14 -20.62 -1.50
CA GLY A 306 -28.34 -21.03 -2.21
C GLY A 306 -28.07 -22.09 -3.26
#